data_6LJ3
#
_entry.id   6LJ3
#
_cell.length_a   68.040
_cell.length_b   68.427
_cell.length_c   117.969
_cell.angle_alpha   90.000
_cell.angle_beta   90.000
_cell.angle_gamma   90.000
#
_symmetry.space_group_name_H-M   'P 21 21 21'
#
loop_
_entity.id
_entity.type
_entity.pdbx_description
1 polymer E165R
2 non-polymer "2'-DEOXYURIDINE 5'-ALPHA,BETA-IMIDO-TRIPHOSPHATE"
3 non-polymer 'MAGNESIUM ION'
4 water water
#
_entity_poly.entity_id   1
_entity_poly.type   'polypeptide(L)'
_entity_poly.pdbx_seq_one_letter_code
;MATNFFIQPITEEAEAYYPPSVITNKRKDLGVDVYCCSDLVLQPGLNIVRLHIKVACEHMGKKCGFKIMARSSMCTHERL
LILANGIGLIDPGYVGELMLKIINLGDTPVQIWAKECLVQLVAQGDHVPDHINILKRNQIFPLFAPTPRGEGRFGSTGEA
GIMRT
;
_entity_poly.pdbx_strand_id   A,B,C
#
loop_
_chem_comp.id
_chem_comp.type
_chem_comp.name
_chem_comp.formula
DUP non-polymer '2'-DEOXYURIDINE 5'-ALPHA,BETA-IMIDO-TRIPHOSPHATE' 'C9 H16 N3 O13 P3'
MG non-polymer 'MAGNESIUM ION' 'Mg 2'
#
# COMPACT_ATOMS: atom_id res chain seq x y z
N ALA A 2 7.49 10.90 -19.16
CA ALA A 2 7.67 9.46 -19.53
C ALA A 2 8.01 8.63 -18.28
N THR A 3 7.31 7.52 -18.08
CA THR A 3 7.55 6.60 -16.93
C THR A 3 8.03 5.29 -17.52
N ASN A 4 9.25 4.87 -17.18
CA ASN A 4 9.84 3.62 -17.71
C ASN A 4 10.32 2.74 -16.56
N PHE A 5 10.08 1.44 -16.68
CA PHE A 5 10.71 0.41 -15.81
C PHE A 5 11.86 -0.25 -16.58
N PHE A 6 12.89 -0.63 -15.82
CA PHE A 6 14.09 -1.36 -16.27
C PHE A 6 14.21 -2.61 -15.41
N ILE A 7 14.07 -3.79 -16.02
CA ILE A 7 14.18 -5.08 -15.29
C ILE A 7 15.36 -5.85 -15.84
N GLN A 8 16.27 -6.27 -14.96
CA GLN A 8 17.46 -7.08 -15.34
C GLN A 8 17.39 -8.43 -14.65
N PRO A 9 17.27 -9.55 -15.40
CA PRO A 9 17.37 -10.88 -14.82
C PRO A 9 18.77 -11.11 -14.26
N ILE A 10 18.91 -11.76 -13.11
CA ILE A 10 20.25 -11.96 -12.49
C ILE A 10 20.48 -13.42 -12.14
N THR A 11 19.66 -14.32 -12.63
CA THR A 11 19.86 -15.79 -12.47
C THR A 11 19.50 -16.43 -13.80
N GLU A 12 19.93 -17.68 -14.01
CA GLU A 12 19.56 -18.48 -15.20
C GLU A 12 18.05 -18.62 -15.23
N GLU A 13 17.42 -18.77 -14.07
CA GLU A 13 15.96 -18.95 -13.98
C GLU A 13 15.23 -17.73 -14.53
N ALA A 14 15.70 -16.52 -14.22
CA ALA A 14 15.07 -15.26 -14.67
C ALA A 14 15.19 -15.13 -16.20
N GLU A 15 16.27 -15.64 -16.78
CA GLU A 15 16.55 -15.54 -18.23
C GLU A 15 15.47 -16.29 -19.02
N ALA A 16 14.87 -17.34 -18.46
CA ALA A 16 13.76 -18.08 -19.10
C ALA A 16 12.55 -17.17 -19.28
N TYR A 17 12.30 -16.23 -18.37
CA TYR A 17 11.10 -15.36 -18.38
C TYR A 17 11.39 -13.95 -18.85
N TYR A 18 12.66 -13.54 -18.84
CA TYR A 18 13.02 -12.14 -19.10
C TYR A 18 14.04 -12.07 -20.25
N PRO A 19 13.64 -12.43 -21.50
CA PRO A 19 14.48 -12.23 -22.67
C PRO A 19 14.64 -10.74 -22.96
N PRO A 20 15.78 -10.33 -23.58
CA PRO A 20 16.04 -8.92 -23.84
C PRO A 20 15.01 -8.34 -24.82
N SER A 21 14.26 -7.35 -24.38
CA SER A 21 13.11 -6.83 -25.13
C SER A 21 12.65 -5.51 -24.52
N VAL A 22 11.81 -4.79 -25.25
CA VAL A 22 11.09 -3.59 -24.79
C VAL A 22 9.62 -3.92 -24.86
N ILE A 23 8.93 -3.87 -23.74
CA ILE A 23 7.46 -4.12 -23.67
C ILE A 23 6.76 -2.75 -23.62
N THR A 24 5.71 -2.58 -24.41
CA THR A 24 4.88 -1.36 -24.41
C THR A 24 3.68 -1.66 -23.51
N ASN A 25 3.04 -0.61 -23.02
CA ASN A 25 1.85 -0.70 -22.13
C ASN A 25 0.69 -0.03 -22.85
N LYS A 26 0.31 -0.57 -24.01
CA LYS A 26 -0.84 -0.11 -24.84
C LYS A 26 -2.14 -0.10 -24.03
N ARG A 27 -2.32 -1.06 -23.11
CA ARG A 27 -3.52 -1.17 -22.23
C ARG A 27 -3.56 -0.01 -21.23
N LYS A 28 -2.41 0.61 -20.96
CA LYS A 28 -2.22 1.64 -19.89
C LYS A 28 -2.51 1.05 -18.50
N ASP A 29 -2.12 -0.20 -18.24
CA ASP A 29 -2.24 -0.82 -16.89
C ASP A 29 -1.25 -0.14 -15.92
N LEU A 30 -1.62 -0.04 -14.65
CA LEU A 30 -0.79 0.64 -13.64
C LEU A 30 0.38 -0.26 -13.24
N GLY A 31 0.16 -1.58 -13.23
CA GLY A 31 1.08 -2.55 -12.61
C GLY A 31 1.89 -3.32 -13.64
N VAL A 32 3.14 -3.64 -13.30
CA VAL A 32 4.04 -4.50 -14.11
C VAL A 32 4.17 -5.84 -13.38
N ASP A 33 3.55 -6.89 -13.94
CA ASP A 33 3.55 -8.27 -13.38
C ASP A 33 4.97 -8.80 -13.42
N VAL A 34 5.41 -9.44 -12.35
CA VAL A 34 6.77 -10.04 -12.31
C VAL A 34 6.66 -11.51 -11.90
N TYR A 35 7.48 -12.36 -12.51
CA TYR A 35 7.40 -13.84 -12.44
C TYR A 35 8.10 -14.34 -11.17
N CYS A 36 7.66 -15.48 -10.62
CA CYS A 36 8.39 -16.20 -9.56
C CYS A 36 9.69 -16.77 -10.13
N CYS A 37 9.71 -17.22 -11.39
CA CYS A 37 10.96 -17.65 -12.09
C CYS A 37 11.41 -19.02 -11.57
N SER A 38 11.20 -19.33 -10.29
CA SER A 38 11.43 -20.67 -9.68
C SER A 38 10.10 -21.19 -9.13
N ASP A 39 9.87 -22.49 -9.22
CA ASP A 39 8.76 -23.17 -8.52
C ASP A 39 9.00 -22.92 -7.03
N LEU A 40 7.97 -22.48 -6.31
CA LEU A 40 8.06 -22.15 -4.86
C LEU A 40 7.26 -23.16 -4.06
N VAL A 41 7.73 -23.47 -2.85
CA VAL A 41 6.92 -24.09 -1.76
C VAL A 41 6.88 -23.09 -0.60
N LEU A 42 5.71 -22.53 -0.33
CA LEU A 42 5.54 -21.52 0.75
C LEU A 42 5.05 -22.24 2.00
N GLN A 43 5.81 -22.20 3.08
CA GLN A 43 5.42 -22.88 4.33
C GLN A 43 4.41 -22.00 5.03
N PRO A 44 3.53 -22.58 5.89
CA PRO A 44 2.73 -21.78 6.79
C PRO A 44 3.65 -20.77 7.50
N GLY A 45 3.21 -19.51 7.58
CA GLY A 45 3.98 -18.43 8.20
C GLY A 45 4.70 -17.57 7.16
N LEU A 46 5.74 -16.88 7.58
CA LEU A 46 6.60 -16.01 6.76
C LEU A 46 7.46 -16.85 5.81
N ASN A 47 7.59 -16.38 4.57
CA ASN A 47 8.51 -16.92 3.53
C ASN A 47 9.20 -15.72 2.87
N ILE A 48 10.53 -15.75 2.81
CA ILE A 48 11.35 -14.73 2.10
C ILE A 48 11.56 -15.26 0.69
N VAL A 49 11.12 -14.54 -0.33
CA VAL A 49 11.13 -15.03 -1.74
C VAL A 49 11.91 -14.05 -2.62
N ARG A 50 12.91 -14.55 -3.33
CA ARG A 50 13.72 -13.74 -4.28
C ARG A 50 12.94 -13.65 -5.59
N LEU A 51 13.04 -12.52 -6.31
CA LEU A 51 12.34 -12.33 -7.61
C LEU A 51 13.33 -12.42 -8.78
N HIS A 52 14.62 -12.65 -8.49
CA HIS A 52 15.69 -13.00 -9.47
C HIS A 52 15.94 -11.84 -10.43
N ILE A 53 15.58 -10.61 -10.02
CA ILE A 53 15.65 -9.41 -10.89
C ILE A 53 16.20 -8.21 -10.09
N LYS A 54 16.88 -7.32 -10.78
CA LYS A 54 17.14 -5.94 -10.32
C LYS A 54 16.21 -5.04 -11.12
N VAL A 55 15.63 -4.04 -10.46
CA VAL A 55 14.63 -3.15 -11.12
C VAL A 55 14.98 -1.68 -10.87
N ALA A 56 14.83 -0.86 -11.88
CA ALA A 56 14.89 0.60 -11.76
C ALA A 56 13.61 1.13 -12.36
N CYS A 57 13.12 2.22 -11.79
CA CYS A 57 11.99 3.00 -12.33
C CYS A 57 12.54 4.39 -12.62
N GLU A 58 12.05 5.04 -13.66
CA GLU A 58 12.44 6.44 -13.93
C GLU A 58 11.20 7.20 -14.36
N HIS A 59 11.05 8.43 -13.86
CA HIS A 59 9.92 9.32 -14.19
C HIS A 59 10.50 10.69 -14.54
N MET A 60 10.00 11.28 -15.63
CA MET A 60 10.49 12.55 -16.24
C MET A 60 12.02 12.55 -16.23
N GLY A 61 12.62 11.48 -16.73
CA GLY A 61 14.08 11.36 -16.92
C GLY A 61 14.86 11.21 -15.62
N LYS A 62 14.23 11.07 -14.45
CA LYS A 62 14.98 10.88 -13.17
C LYS A 62 14.65 9.53 -12.51
N LYS A 63 15.65 8.89 -11.92
CA LYS A 63 15.45 7.62 -11.21
C LYS A 63 14.46 7.88 -10.06
N CYS A 64 13.44 7.04 -9.92
CA CYS A 64 12.40 7.18 -8.87
C CYS A 64 12.17 5.83 -8.19
N GLY A 65 11.30 5.82 -7.18
CA GLY A 65 10.95 4.63 -6.37
C GLY A 65 9.82 3.87 -7.03
N PHE A 66 9.37 2.80 -6.41
CA PHE A 66 8.16 2.11 -6.89
C PHE A 66 7.68 1.22 -5.76
N LYS A 67 6.56 0.57 -6.01
CA LYS A 67 5.84 -0.21 -4.98
C LYS A 67 5.60 -1.61 -5.54
N ILE A 68 5.72 -2.59 -4.68
CA ILE A 68 5.31 -4.00 -4.94
C ILE A 68 3.94 -4.20 -4.32
N MET A 69 2.98 -4.61 -5.14
CA MET A 69 1.57 -4.83 -4.75
C MET A 69 1.16 -6.21 -5.18
N ALA A 70 0.37 -6.87 -4.33
CA ALA A 70 -0.22 -8.18 -4.62
C ALA A 70 -1.06 -8.02 -5.88
N ARG A 71 -1.01 -9.02 -6.75
CA ARG A 71 -2.09 -9.18 -7.75
C ARG A 71 -3.31 -9.72 -7.01
N SER A 72 -4.51 -9.34 -7.44
CA SER A 72 -5.78 -9.79 -6.81
C SER A 72 -5.87 -11.31 -6.90
N SER A 73 -5.18 -11.94 -7.87
CA SER A 73 -5.17 -13.40 -8.07
C SER A 73 -4.17 -14.11 -7.13
N MET A 74 -3.36 -13.41 -6.37
CA MET A 74 -2.33 -14.05 -5.48
C MET A 74 -2.99 -14.87 -4.37
N CYS A 75 -4.12 -14.40 -3.87
CA CYS A 75 -4.84 -15.02 -2.74
C CYS A 75 -6.10 -15.74 -3.28
N THR A 76 -6.18 -17.05 -3.08
CA THR A 76 -7.31 -17.93 -3.49
C THR A 76 -7.72 -18.75 -2.28
N HIS A 77 -8.88 -19.38 -2.30
CA HIS A 77 -9.32 -20.32 -1.23
C HIS A 77 -8.25 -21.40 -1.01
N GLU A 78 -7.57 -21.84 -2.06
CA GLU A 78 -6.51 -22.89 -2.05
C GLU A 78 -5.19 -22.31 -1.54
N ARG A 79 -4.95 -21.00 -1.66
CA ARG A 79 -3.68 -20.34 -1.26
C ARG A 79 -3.98 -19.02 -0.53
N LEU A 80 -3.93 -19.02 0.80
CA LEU A 80 -4.21 -17.82 1.62
C LEU A 80 -2.91 -17.05 1.81
N LEU A 81 -2.46 -16.33 0.77
CA LEU A 81 -1.17 -15.62 0.74
C LEU A 81 -1.41 -14.11 0.79
N ILE A 82 -0.62 -13.42 1.60
CA ILE A 82 -0.60 -11.94 1.66
C ILE A 82 0.86 -11.47 1.68
N LEU A 83 1.12 -10.26 1.19
CA LEU A 83 2.44 -9.63 1.40
C LEU A 83 2.52 -9.22 2.87
N ALA A 84 3.57 -9.62 3.57
CA ALA A 84 3.74 -9.32 5.00
C ALA A 84 3.72 -7.80 5.19
N ASN A 85 4.37 -7.03 4.31
CA ASN A 85 4.50 -5.58 4.49
C ASN A 85 3.30 -4.81 3.88
N GLY A 86 2.23 -5.49 3.47
CA GLY A 86 1.05 -4.84 2.85
C GLY A 86 1.32 -4.42 1.41
N ILE A 87 2.19 -3.42 1.22
CA ILE A 87 2.86 -3.14 -0.08
C ILE A 87 4.35 -3.00 0.19
N GLY A 88 5.16 -3.25 -0.84
CA GLY A 88 6.62 -3.09 -0.80
C GLY A 88 6.94 -1.68 -1.24
N LEU A 89 7.66 -0.94 -0.39
CA LEU A 89 8.11 0.43 -0.69
C LEU A 89 9.57 0.38 -1.16
N ILE A 90 9.79 0.50 -2.46
CA ILE A 90 11.16 0.36 -3.01
C ILE A 90 11.75 1.76 -3.20
N ASP A 91 12.80 2.07 -2.44
CA ASP A 91 13.41 3.41 -2.40
C ASP A 91 14.17 3.66 -3.71
N PRO A 92 14.22 4.93 -4.18
CA PRO A 92 15.02 5.30 -5.35
C PRO A 92 16.46 4.78 -5.32
N GLY A 93 17.10 4.73 -4.14
CA GLY A 93 18.52 4.36 -4.03
C GLY A 93 18.75 2.85 -3.97
N TYR A 94 17.69 2.04 -3.96
CA TYR A 94 17.86 0.58 -3.86
C TYR A 94 18.34 0.05 -5.20
N VAL A 95 19.38 -0.79 -5.20
CA VAL A 95 20.02 -1.38 -6.41
C VAL A 95 20.37 -2.83 -6.11
N GLY A 96 19.67 -3.43 -5.16
CA GLY A 96 19.78 -4.87 -4.88
C GLY A 96 18.71 -5.66 -5.60
N GLU A 97 18.68 -6.95 -5.36
CA GLU A 97 17.66 -7.88 -5.87
C GLU A 97 16.32 -7.61 -5.15
N LEU A 98 15.24 -7.49 -5.91
CA LEU A 98 13.86 -7.39 -5.35
C LEU A 98 13.51 -8.67 -4.61
N MET A 99 13.06 -8.51 -3.36
CA MET A 99 12.65 -9.61 -2.45
C MET A 99 11.19 -9.39 -2.03
N LEU A 100 10.52 -10.48 -1.72
CA LEU A 100 9.14 -10.47 -1.17
C LEU A 100 9.15 -11.14 0.18
N LYS A 101 8.26 -10.68 1.06
CA LYS A 101 7.89 -11.35 2.31
C LYS A 101 6.45 -11.77 2.13
N ILE A 102 6.22 -13.08 1.98
CA ILE A 102 4.88 -13.67 1.75
C ILE A 102 4.52 -14.52 2.96
N ILE A 103 3.37 -14.22 3.56
CA ILE A 103 2.76 -15.00 4.66
C ILE A 103 1.77 -15.97 4.03
N ASN A 104 2.01 -17.26 4.27
CA ASN A 104 1.00 -18.30 4.04
C ASN A 104 0.17 -18.41 5.32
N LEU A 105 -1.09 -17.98 5.25
CA LEU A 105 -2.01 -17.92 6.40
C LEU A 105 -2.61 -19.32 6.67
N GLY A 106 -2.48 -20.25 5.72
CA GLY A 106 -3.03 -21.62 5.83
C GLY A 106 -2.15 -22.54 6.69
N ASP A 107 -2.62 -23.75 6.93
CA ASP A 107 -1.97 -24.75 7.84
C ASP A 107 -1.07 -25.69 7.02
N THR A 108 -1.18 -25.61 5.71
CA THR A 108 -0.57 -26.51 4.71
C THR A 108 0.41 -25.71 3.85
N PRO A 109 1.56 -26.32 3.45
CA PRO A 109 2.47 -25.69 2.49
C PRO A 109 1.74 -25.59 1.15
N VAL A 110 2.14 -24.62 0.35
CA VAL A 110 1.44 -24.24 -0.91
C VAL A 110 2.51 -24.13 -2.01
N GLN A 111 2.20 -24.60 -3.22
CA GLN A 111 3.13 -24.62 -4.38
C GLN A 111 2.78 -23.50 -5.37
N ILE A 112 3.77 -22.74 -5.81
CA ILE A 112 3.63 -21.71 -6.88
C ILE A 112 4.44 -22.15 -8.08
N TRP A 113 3.92 -22.00 -9.30
CA TRP A 113 4.65 -22.28 -10.55
C TRP A 113 5.59 -21.11 -10.85
N ALA A 114 6.75 -21.41 -11.44
CA ALA A 114 7.76 -20.41 -11.89
C ALA A 114 7.11 -19.34 -12.80
N LYS A 115 6.15 -19.73 -13.62
CA LYS A 115 5.55 -18.86 -14.66
C LYS A 115 4.49 -17.95 -14.04
N GLU A 116 4.07 -18.19 -12.81
CA GLU A 116 3.02 -17.34 -12.18
C GLU A 116 3.62 -15.98 -11.79
N CYS A 117 2.82 -14.93 -11.91
CA CYS A 117 3.11 -13.60 -11.29
C CYS A 117 2.25 -13.40 -10.05
N LEU A 118 2.85 -13.34 -8.86
CA LEU A 118 2.10 -13.09 -7.60
C LEU A 118 1.91 -11.58 -7.38
N VAL A 119 2.86 -10.77 -7.88
CA VAL A 119 2.92 -9.31 -7.56
C VAL A 119 3.13 -8.50 -8.84
N GLN A 120 2.97 -7.19 -8.66
CA GLN A 120 3.08 -6.18 -9.74
C GLN A 120 3.84 -4.99 -9.17
N LEU A 121 4.61 -4.32 -10.03
CA LEU A 121 5.37 -3.11 -9.69
C LEU A 121 4.57 -1.90 -10.15
N VAL A 122 4.49 -0.90 -9.27
CA VAL A 122 3.75 0.36 -9.52
C VAL A 122 4.71 1.51 -9.24
N ALA A 123 4.92 2.39 -10.22
CA ALA A 123 5.80 3.57 -10.11
C ALA A 123 5.41 4.42 -8.87
N GLN A 124 6.39 4.99 -8.18
CA GLN A 124 6.19 6.17 -7.30
C GLN A 124 5.18 7.11 -7.98
N GLY A 125 4.10 7.48 -7.28
CA GLY A 125 3.05 8.41 -7.75
C GLY A 125 1.99 7.74 -8.60
N ASP A 126 2.11 6.43 -8.83
CA ASP A 126 1.14 5.59 -9.57
C ASP A 126 1.12 5.95 -11.07
N HIS A 127 2.18 6.53 -11.61
CA HIS A 127 2.24 6.92 -13.04
C HIS A 127 2.15 5.64 -13.88
N VAL A 128 1.33 5.67 -14.93
CA VAL A 128 1.19 4.54 -15.90
C VAL A 128 2.53 4.37 -16.61
N PRO A 129 3.12 3.16 -16.60
CA PRO A 129 4.38 2.92 -17.28
C PRO A 129 4.22 3.05 -18.81
N ASP A 130 5.18 3.67 -19.50
CA ASP A 130 5.18 3.80 -20.99
C ASP A 130 5.84 2.55 -21.58
N HIS A 131 7.04 2.21 -21.10
CA HIS A 131 7.85 1.07 -21.59
C HIS A 131 8.36 0.26 -20.40
N ILE A 132 8.41 -1.05 -20.59
CA ILE A 132 9.12 -1.95 -19.65
C ILE A 132 10.32 -2.46 -20.42
N ASN A 133 11.53 -2.09 -20.00
CA ASN A 133 12.79 -2.42 -20.70
C ASN A 133 13.37 -3.65 -20.01
N ILE A 134 13.40 -4.78 -20.71
CA ILE A 134 14.06 -6.01 -20.18
C ILE A 134 15.52 -5.99 -20.67
N LEU A 135 16.44 -5.77 -19.73
CA LEU A 135 17.88 -5.56 -19.98
C LEU A 135 18.56 -6.92 -20.07
N LYS A 136 19.69 -6.99 -20.77
CA LYS A 136 20.54 -8.20 -20.88
C LYS A 136 21.08 -8.48 -19.49
N ARG A 137 21.12 -9.74 -19.08
CA ARG A 137 21.73 -10.19 -17.81
C ARG A 137 23.14 -9.62 -17.61
N ASN A 138 23.98 -9.53 -18.65
CA ASN A 138 25.40 -9.13 -18.43
C ASN A 138 25.55 -7.62 -18.19
N GLN A 139 24.93 -6.79 -19.02
CA GLN A 139 25.28 -5.36 -19.17
C GLN A 139 25.39 -4.66 -17.80
N ILE A 140 26.17 -3.58 -17.77
CA ILE A 140 26.20 -2.56 -16.67
C ILE A 140 25.19 -1.47 -17.08
N PHE A 141 24.31 -1.07 -16.17
CA PHE A 141 23.33 0.00 -16.44
C PHE A 141 23.64 1.17 -15.51
N PRO A 142 23.55 2.44 -16.00
CA PRO A 142 23.83 3.61 -15.17
C PRO A 142 22.91 3.57 -13.94
N LEU A 143 21.63 3.25 -14.13
CA LEU A 143 20.60 3.39 -13.07
C LEU A 143 20.83 2.36 -11.94
N PHE A 144 21.74 1.39 -12.11
CA PHE A 144 22.09 0.38 -11.07
C PHE A 144 23.43 0.73 -10.40
N ALA A 145 23.99 1.91 -10.68
CA ALA A 145 25.27 2.41 -10.09
C ALA A 145 25.15 2.49 -8.57
N PRO A 146 26.27 2.35 -7.81
CA PRO A 146 26.21 2.41 -6.35
C PRO A 146 25.56 3.71 -5.84
N THR A 147 24.79 3.58 -4.76
CA THR A 147 24.04 4.68 -4.07
C THR A 147 24.39 4.63 -2.59
N PRO A 148 24.01 5.66 -1.80
CA PRO A 148 24.08 5.56 -0.33
C PRO A 148 23.35 4.30 0.20
N ARG A 149 22.22 3.92 -0.40
CA ARG A 149 21.44 2.72 0.03
C ARG A 149 22.12 1.44 -0.48
N GLY A 150 22.54 1.40 -1.75
CA GLY A 150 23.05 0.19 -2.43
C GLY A 150 22.02 -0.94 -2.44
N GLU A 151 22.38 -2.10 -1.89
CA GLU A 151 21.53 -3.31 -1.83
C GLU A 151 20.97 -3.45 -0.40
N GLY A 152 20.93 -2.36 0.37
CA GLY A 152 20.37 -2.36 1.74
C GLY A 152 18.86 -2.55 1.73
N ARG A 153 18.36 -3.50 2.52
CA ARG A 153 16.91 -3.84 2.61
C ARG A 153 16.62 -4.49 3.96
N PHE A 154 15.33 -4.69 4.30
CA PHE A 154 14.88 -5.51 5.45
C PHE A 154 15.61 -5.09 6.74
N GLY A 155 15.55 -3.81 7.09
CA GLY A 155 16.10 -3.27 8.35
C GLY A 155 17.57 -2.89 8.25
N SER A 156 18.14 -2.83 7.04
CA SER A 156 19.55 -2.44 6.74
C SER A 156 19.90 -1.11 7.41
N THR A 157 18.89 -0.29 7.70
CA THR A 157 19.03 1.11 8.15
C THR A 157 19.02 1.13 9.70
N GLY A 158 18.67 0.00 10.34
CA GLY A 158 18.66 -0.20 11.82
C GLY A 158 17.26 -0.11 12.43
N GLU A 159 17.14 -0.44 13.72
CA GLU A 159 15.88 -0.41 14.51
C GLU A 159 15.26 0.99 14.50
N ALA A 160 16.07 2.03 14.80
CA ALA A 160 15.73 3.47 14.82
C ALA A 160 15.47 3.99 13.40
N GLY A 161 15.72 3.19 12.37
CA GLY A 161 15.46 3.63 10.98
C GLY A 161 16.45 4.43 10.19
N ILE A 162 17.64 4.60 10.75
CA ILE A 162 18.75 5.41 10.13
C ILE A 162 18.15 6.82 9.96
N MET A 163 16.97 6.95 9.32
CA MET A 163 16.11 8.17 9.37
C MET A 163 16.22 8.74 10.79
N ARG A 164 15.99 7.87 11.79
CA ARG A 164 16.02 8.11 13.27
C ARG A 164 14.63 8.59 13.69
N THR A 165 14.49 9.91 13.71
CA THR A 165 13.49 10.67 14.49
C THR A 165 12.43 11.07 13.46
N ALA B 2 -8.60 19.07 -11.35
CA ALA B 2 -9.96 18.53 -10.96
C ALA B 2 -9.89 17.00 -10.98
N THR B 3 -10.04 16.39 -9.81
CA THR B 3 -10.16 14.93 -9.62
C THR B 3 -11.63 14.62 -9.31
N ASN B 4 -12.27 13.85 -10.17
CA ASN B 4 -13.68 13.47 -9.99
C ASN B 4 -13.83 11.95 -10.03
N PHE B 5 -14.65 11.42 -9.12
CA PHE B 5 -15.07 10.01 -9.15
C PHE B 5 -16.47 9.92 -9.71
N PHE B 6 -16.74 8.82 -10.39
CA PHE B 6 -18.08 8.48 -10.93
C PHE B 6 -18.46 7.09 -10.45
N ILE B 7 -19.57 6.94 -9.76
CA ILE B 7 -20.10 5.67 -9.22
C ILE B 7 -21.48 5.45 -9.82
N GLN B 8 -21.65 4.34 -10.54
CA GLN B 8 -22.97 3.86 -11.02
C GLN B 8 -23.36 2.61 -10.22
N PRO B 9 -24.51 2.61 -9.52
CA PRO B 9 -25.07 1.39 -8.97
C PRO B 9 -25.49 0.50 -10.14
N ILE B 10 -25.23 -0.80 -10.06
CA ILE B 10 -25.60 -1.73 -11.16
C ILE B 10 -26.57 -2.81 -10.67
N THR B 11 -26.97 -2.75 -9.41
CA THR B 11 -27.97 -3.68 -8.80
C THR B 11 -28.99 -2.86 -8.02
N GLU B 12 -30.15 -3.46 -7.77
CA GLU B 12 -31.21 -2.77 -7.00
C GLU B 12 -30.73 -2.61 -5.56
N GLU B 13 -29.86 -3.51 -5.10
CA GLU B 13 -29.23 -3.37 -3.74
C GLU B 13 -28.40 -2.07 -3.68
N ALA B 14 -27.65 -1.75 -4.74
CA ALA B 14 -26.81 -0.52 -4.84
C ALA B 14 -27.71 0.71 -4.88
N GLU B 15 -28.89 0.62 -5.49
CA GLU B 15 -29.80 1.79 -5.54
C GLU B 15 -30.25 2.20 -4.13
N ALA B 16 -30.24 1.31 -3.15
CA ALA B 16 -30.59 1.68 -1.75
C ALA B 16 -29.61 2.70 -1.18
N TYR B 17 -28.32 2.61 -1.57
CA TYR B 17 -27.22 3.40 -0.98
C TYR B 17 -26.70 4.46 -1.91
N TYR B 18 -27.02 4.40 -3.21
CA TYR B 18 -26.42 5.29 -4.24
C TYR B 18 -27.49 6.03 -5.03
N PRO B 19 -28.26 6.92 -4.36
CA PRO B 19 -29.23 7.75 -5.07
C PRO B 19 -28.52 8.73 -5.99
N PRO B 20 -29.12 9.09 -7.15
CA PRO B 20 -28.47 9.99 -8.09
C PRO B 20 -28.16 11.32 -7.39
N SER B 21 -26.92 11.75 -7.45
CA SER B 21 -26.50 13.01 -6.78
C SER B 21 -25.04 13.34 -7.08
N VAL B 22 -24.63 14.53 -6.69
CA VAL B 22 -23.23 14.98 -6.78
C VAL B 22 -22.81 15.32 -5.35
N ILE B 23 -21.84 14.57 -4.83
CA ILE B 23 -21.24 14.78 -3.48
C ILE B 23 -20.00 15.66 -3.67
N THR B 24 -19.91 16.75 -2.92
CA THR B 24 -18.68 17.57 -2.84
C THR B 24 -17.87 17.04 -1.65
N ASN B 25 -16.58 17.29 -1.66
CA ASN B 25 -15.64 16.78 -0.63
C ASN B 25 -15.06 18.00 0.04
N LYS B 26 -15.89 18.69 0.81
CA LYS B 26 -15.55 19.97 1.47
C LYS B 26 -14.37 19.74 2.43
N ARG B 27 -14.39 18.63 3.16
CA ARG B 27 -13.32 18.24 4.12
C ARG B 27 -11.99 17.94 3.41
N LYS B 28 -11.97 17.67 2.11
CA LYS B 28 -10.72 17.31 1.37
C LYS B 28 -10.18 15.98 1.90
N ASP B 29 -11.06 15.04 2.22
CA ASP B 29 -10.67 13.65 2.56
C ASP B 29 -10.06 12.99 1.32
N LEU B 30 -9.10 12.09 1.51
CA LEU B 30 -8.44 11.38 0.38
C LEU B 30 -9.33 10.23 -0.12
N GLY B 31 -10.12 9.62 0.76
CA GLY B 31 -10.83 8.36 0.49
C GLY B 31 -12.31 8.56 0.30
N VAL B 32 -12.88 7.80 -0.63
CA VAL B 32 -14.33 7.79 -0.94
C VAL B 32 -14.90 6.47 -0.39
N ASP B 33 -15.63 6.55 0.71
CA ASP B 33 -16.25 5.40 1.41
C ASP B 33 -17.26 4.74 0.48
N VAL B 34 -17.27 3.42 0.39
CA VAL B 34 -18.26 2.67 -0.44
C VAL B 34 -18.92 1.57 0.39
N TYR B 35 -20.23 1.42 0.20
CA TYR B 35 -21.11 0.55 1.00
C TYR B 35 -21.01 -0.91 0.57
N CYS B 36 -21.22 -1.81 1.53
CA CYS B 36 -21.41 -3.26 1.31
C CYS B 36 -22.68 -3.57 0.52
N CYS B 37 -23.77 -2.82 0.73
CA CYS B 37 -25.06 -2.84 -0.04
C CYS B 37 -25.90 -4.11 0.26
N SER B 38 -25.28 -5.20 0.74
CA SER B 38 -25.94 -6.42 1.25
C SER B 38 -25.35 -6.77 2.61
N ASP B 39 -26.17 -7.32 3.50
CA ASP B 39 -25.70 -7.97 4.74
C ASP B 39 -24.92 -9.17 4.26
N LEU B 40 -23.81 -9.51 4.89
CA LEU B 40 -23.10 -10.73 4.50
C LEU B 40 -22.53 -11.38 5.75
N VAL B 41 -22.33 -12.67 5.67
CA VAL B 41 -21.61 -13.44 6.71
C VAL B 41 -20.24 -13.76 6.11
N LEU B 42 -19.18 -13.34 6.78
CA LEU B 42 -17.80 -13.63 6.36
C LEU B 42 -17.32 -14.88 7.09
N GLN B 43 -17.12 -15.97 6.38
CA GLN B 43 -16.51 -17.21 6.90
C GLN B 43 -15.05 -16.95 7.26
N PRO B 44 -14.50 -17.69 8.25
CA PRO B 44 -13.04 -17.76 8.42
C PRO B 44 -12.38 -18.08 7.08
N GLY B 45 -11.29 -17.38 6.78
CA GLY B 45 -10.55 -17.51 5.53
C GLY B 45 -10.99 -16.45 4.54
N LEU B 46 -10.86 -16.78 3.26
CA LEU B 46 -11.09 -15.86 2.13
C LEU B 46 -12.58 -15.71 1.87
N ASN B 47 -13.01 -14.49 1.56
CA ASN B 47 -14.40 -14.18 1.16
C ASN B 47 -14.39 -13.27 -0.07
N ILE B 48 -15.24 -13.58 -1.04
CA ILE B 48 -15.41 -12.74 -2.26
C ILE B 48 -16.63 -11.87 -2.01
N VAL B 49 -16.46 -10.56 -2.01
CA VAL B 49 -17.55 -9.58 -1.72
C VAL B 49 -17.71 -8.65 -2.93
N ARG B 50 -18.91 -8.61 -3.51
CA ARG B 50 -19.24 -7.68 -4.61
C ARG B 50 -19.56 -6.32 -3.98
N LEU B 51 -19.22 -5.24 -4.68
CA LEU B 51 -19.50 -3.88 -4.18
C LEU B 51 -20.69 -3.26 -4.95
N HIS B 52 -21.24 -3.95 -5.95
CA HIS B 52 -22.51 -3.57 -6.62
C HIS B 52 -22.37 -2.30 -7.47
N ILE B 53 -21.15 -1.85 -7.76
CA ILE B 53 -20.93 -0.54 -8.43
C ILE B 53 -19.85 -0.68 -9.50
N LYS B 54 -19.99 0.11 -10.55
CA LYS B 54 -18.89 0.43 -11.46
C LYS B 54 -18.38 1.81 -11.06
N VAL B 55 -17.07 2.02 -11.12
CA VAL B 55 -16.44 3.31 -10.75
C VAL B 55 -15.47 3.74 -11.86
N ALA B 56 -15.50 5.02 -12.17
CA ALA B 56 -14.46 5.71 -12.96
C ALA B 56 -13.91 6.84 -12.09
N CYS B 57 -12.62 7.06 -12.22
CA CYS B 57 -11.90 8.25 -11.72
C CYS B 57 -11.37 9.02 -12.93
N GLU B 58 -11.40 10.34 -12.86
CA GLU B 58 -10.82 11.22 -13.91
C GLU B 58 -9.98 12.26 -13.18
N HIS B 59 -8.80 12.52 -13.70
CA HIS B 59 -7.85 13.53 -13.17
C HIS B 59 -7.45 14.46 -14.32
N MET B 60 -7.60 15.77 -14.14
CA MET B 60 -7.24 16.80 -15.15
C MET B 60 -7.83 16.39 -16.51
N GLY B 61 -9.08 15.92 -16.53
CA GLY B 61 -9.83 15.64 -17.77
C GLY B 61 -9.53 14.28 -18.37
N LYS B 62 -8.67 13.46 -17.76
CA LYS B 62 -8.28 12.13 -18.32
C LYS B 62 -8.78 11.01 -17.38
N LYS B 63 -9.37 9.95 -17.95
CA LYS B 63 -9.70 8.72 -17.19
C LYS B 63 -8.42 8.19 -16.56
N CYS B 64 -8.40 7.99 -15.24
CA CYS B 64 -7.23 7.43 -14.53
C CYS B 64 -7.63 6.21 -13.69
N GLY B 65 -6.65 5.57 -13.07
CA GLY B 65 -6.87 4.43 -12.17
C GLY B 65 -7.21 4.93 -10.78
N PHE B 66 -7.33 4.00 -9.85
CA PHE B 66 -7.61 4.30 -8.42
C PHE B 66 -7.35 3.03 -7.64
N LYS B 67 -7.46 3.14 -6.33
CA LYS B 67 -6.99 2.12 -5.38
C LYS B 67 -8.10 1.88 -4.37
N ILE B 68 -8.21 0.65 -3.91
CA ILE B 68 -9.17 0.29 -2.84
C ILE B 68 -8.36 0.04 -1.57
N MET B 69 -8.63 0.78 -0.53
CA MET B 69 -7.94 0.64 0.78
C MET B 69 -8.97 0.32 1.86
N ALA B 70 -8.59 -0.46 2.86
CA ALA B 70 -9.40 -0.66 4.08
C ALA B 70 -9.62 0.69 4.77
N ARG B 71 -10.81 0.93 5.34
CA ARG B 71 -10.96 1.97 6.39
C ARG B 71 -10.29 1.44 7.66
N SER B 72 -9.73 2.33 8.49
CA SER B 72 -9.07 1.95 9.77
C SER B 72 -10.06 1.23 10.69
N SER B 73 -11.36 1.37 10.45
CA SER B 73 -12.44 0.74 11.25
C SER B 73 -12.87 -0.62 10.69
N MET B 74 -12.31 -1.11 9.58
CA MET B 74 -12.71 -2.43 9.02
C MET B 74 -12.33 -3.54 10.02
N CYS B 75 -11.21 -3.37 10.72
CA CYS B 75 -10.62 -4.39 11.63
C CYS B 75 -10.87 -3.98 13.07
N THR B 76 -11.59 -4.80 13.83
CA THR B 76 -11.85 -4.62 15.27
C THR B 76 -11.54 -5.95 15.94
N HIS B 77 -11.54 -6.00 17.26
CA HIS B 77 -11.38 -7.28 18.00
C HIS B 77 -12.51 -8.24 17.58
N GLU B 78 -13.73 -7.76 17.38
CA GLU B 78 -14.89 -8.63 17.05
C GLU B 78 -14.76 -9.18 15.63
N ARG B 79 -14.11 -8.43 14.72
CA ARG B 79 -13.98 -8.82 13.29
C ARG B 79 -12.56 -8.52 12.80
N LEU B 80 -11.73 -9.55 12.79
CA LEU B 80 -10.32 -9.46 12.34
C LEU B 80 -10.29 -9.62 10.82
N LEU B 81 -10.66 -8.57 10.13
CA LEU B 81 -10.79 -8.52 8.66
C LEU B 81 -9.63 -7.74 8.07
N ILE B 82 -9.08 -8.27 6.97
CA ILE B 82 -8.04 -7.58 6.15
C ILE B 82 -8.44 -7.73 4.69
N LEU B 83 -8.05 -6.77 3.84
CA LEU B 83 -8.03 -6.96 2.37
C LEU B 83 -6.94 -7.98 2.07
N ALA B 84 -7.29 -9.07 1.38
CA ALA B 84 -6.32 -10.09 0.95
C ALA B 84 -5.18 -9.44 0.15
N ASN B 85 -5.49 -8.48 -0.71
CA ASN B 85 -4.46 -7.92 -1.62
C ASN B 85 -3.76 -6.70 -1.01
N GLY B 86 -3.96 -6.40 0.27
CA GLY B 86 -3.36 -5.22 0.90
C GLY B 86 -4.07 -3.97 0.43
N ILE B 87 -3.85 -3.59 -0.84
CA ILE B 87 -4.54 -2.49 -1.56
C ILE B 87 -5.10 -3.10 -2.85
N GLY B 88 -6.29 -2.71 -3.27
CA GLY B 88 -6.84 -3.06 -4.59
C GLY B 88 -6.36 -2.06 -5.63
N LEU B 89 -5.67 -2.52 -6.68
CA LEU B 89 -5.17 -1.65 -7.75
C LEU B 89 -6.15 -1.73 -8.93
N ILE B 90 -6.83 -0.63 -9.20
CA ILE B 90 -7.85 -0.60 -10.30
C ILE B 90 -7.28 0.17 -11.50
N ASP B 91 -7.07 -0.54 -12.60
CA ASP B 91 -6.54 0.00 -13.87
C ASP B 91 -7.51 0.99 -14.51
N PRO B 92 -7.00 2.00 -15.20
CA PRO B 92 -7.83 2.99 -15.90
C PRO B 92 -8.83 2.34 -16.87
N GLY B 93 -8.46 1.21 -17.48
CA GLY B 93 -9.28 0.50 -18.47
C GLY B 93 -10.39 -0.37 -17.85
N TYR B 94 -10.34 -0.62 -16.54
CA TYR B 94 -11.34 -1.50 -15.88
C TYR B 94 -12.69 -0.79 -15.83
N VAL B 95 -13.72 -1.40 -16.42
CA VAL B 95 -15.09 -0.80 -16.44
C VAL B 95 -16.12 -1.78 -15.86
N GLY B 96 -15.70 -2.84 -15.16
CA GLY B 96 -16.65 -3.79 -14.56
C GLY B 96 -17.00 -3.41 -13.13
N GLU B 97 -17.77 -4.28 -12.49
CA GLU B 97 -18.08 -4.19 -11.05
C GLU B 97 -16.80 -4.32 -10.24
N LEU B 98 -16.66 -3.49 -9.21
CA LEU B 98 -15.61 -3.62 -8.18
C LEU B 98 -15.95 -4.79 -7.26
N MET B 99 -14.93 -5.56 -6.93
CA MET B 99 -14.99 -6.75 -6.06
C MET B 99 -13.93 -6.61 -4.96
N LEU B 100 -14.20 -7.22 -3.82
CA LEU B 100 -13.23 -7.31 -2.71
C LEU B 100 -12.91 -8.77 -2.42
N LYS B 101 -11.67 -9.01 -2.02
CA LYS B 101 -11.24 -10.25 -1.37
C LYS B 101 -10.91 -9.88 0.09
N ILE B 102 -11.73 -10.39 1.01
CA ILE B 102 -11.58 -10.06 2.46
C ILE B 102 -11.23 -11.35 3.16
N ILE B 103 -10.17 -11.33 3.98
CA ILE B 103 -9.84 -12.48 4.86
C ILE B 103 -10.37 -12.17 6.26
N ASN B 104 -11.16 -13.10 6.79
CA ASN B 104 -11.53 -13.20 8.21
C ASN B 104 -10.46 -14.07 8.87
N LEU B 105 -9.60 -13.44 9.67
CA LEU B 105 -8.47 -14.11 10.34
C LEU B 105 -8.94 -14.85 11.59
N GLY B 106 -10.20 -14.65 12.03
CA GLY B 106 -10.73 -15.28 13.26
C GLY B 106 -11.25 -16.68 13.00
N ASP B 107 -11.67 -17.37 14.06
CA ASP B 107 -12.08 -18.80 14.01
C ASP B 107 -13.57 -18.92 13.73
N THR B 108 -14.27 -17.80 13.62
CA THR B 108 -15.73 -17.74 13.79
C THR B 108 -16.31 -16.77 12.75
N PRO B 109 -17.49 -17.07 12.19
CA PRO B 109 -18.07 -16.27 11.12
C PRO B 109 -18.47 -14.91 11.68
N VAL B 110 -18.42 -13.85 10.88
CA VAL B 110 -18.79 -12.49 11.35
C VAL B 110 -19.82 -11.89 10.40
N GLN B 111 -20.72 -11.11 10.96
CA GLN B 111 -21.81 -10.46 10.21
C GLN B 111 -21.33 -9.05 9.82
N ILE B 112 -21.52 -8.68 8.56
CA ILE B 112 -21.40 -7.28 8.08
C ILE B 112 -22.78 -6.81 7.66
N TRP B 113 -23.08 -5.54 7.85
CA TRP B 113 -24.39 -4.96 7.47
C TRP B 113 -24.26 -4.18 6.16
N ALA B 114 -25.33 -4.17 5.36
CA ALA B 114 -25.42 -3.47 4.05
C ALA B 114 -24.91 -2.02 4.16
N LYS B 115 -25.27 -1.30 5.21
CA LYS B 115 -25.04 0.17 5.38
C LYS B 115 -23.60 0.44 5.81
N GLU B 116 -22.82 -0.57 6.17
CA GLU B 116 -21.40 -0.40 6.51
C GLU B 116 -20.56 -0.15 5.25
N CYS B 117 -19.53 0.69 5.40
CA CYS B 117 -18.42 0.88 4.45
C CYS B 117 -17.15 0.31 5.09
N LEU B 118 -16.59 -0.75 4.52
CA LEU B 118 -15.36 -1.38 5.02
C LEU B 118 -14.16 -0.78 4.30
N VAL B 119 -14.36 -0.27 3.09
CA VAL B 119 -13.24 0.20 2.22
C VAL B 119 -13.53 1.60 1.65
N GLN B 120 -12.48 2.20 1.11
CA GLN B 120 -12.50 3.56 0.54
C GLN B 120 -11.69 3.57 -0.75
N LEU B 121 -12.12 4.37 -1.73
CA LEU B 121 -11.46 4.49 -3.04
C LEU B 121 -10.55 5.71 -2.99
N VAL B 122 -9.37 5.59 -3.58
CA VAL B 122 -8.32 6.65 -3.61
C VAL B 122 -7.80 6.79 -5.04
N ALA B 123 -7.87 7.99 -5.60
CA ALA B 123 -7.43 8.29 -6.98
C ALA B 123 -5.98 7.86 -7.17
N GLN B 124 -5.63 7.39 -8.36
CA GLN B 124 -4.24 7.24 -8.82
C GLN B 124 -3.47 8.51 -8.43
N GLY B 125 -2.32 8.34 -7.78
CA GLY B 125 -1.48 9.45 -7.31
C GLY B 125 -2.05 10.14 -6.08
N ASP B 126 -3.12 9.62 -5.46
CA ASP B 126 -3.68 10.11 -4.16
C ASP B 126 -4.21 11.56 -4.27
N HIS B 127 -4.67 12.01 -5.43
CA HIS B 127 -5.27 13.36 -5.57
C HIS B 127 -6.59 13.41 -4.76
N VAL B 128 -6.82 14.53 -4.08
CA VAL B 128 -8.06 14.71 -3.28
C VAL B 128 -9.22 14.80 -4.27
N PRO B 129 -10.30 14.01 -4.11
CA PRO B 129 -11.44 14.18 -5.00
C PRO B 129 -12.13 15.54 -4.76
N ASP B 130 -12.55 16.20 -5.84
CA ASP B 130 -13.39 17.41 -5.81
C ASP B 130 -14.87 17.03 -5.75
N HIS B 131 -15.33 16.18 -6.66
CA HIS B 131 -16.74 15.72 -6.70
C HIS B 131 -16.79 14.20 -6.77
N ILE B 132 -17.86 13.63 -6.22
CA ILE B 132 -18.28 12.22 -6.43
C ILE B 132 -19.67 12.24 -7.05
N ASN B 133 -19.74 11.86 -8.31
CA ASN B 133 -20.98 11.85 -9.12
C ASN B 133 -21.60 10.47 -8.95
N ILE B 134 -22.75 10.38 -8.30
CA ILE B 134 -23.53 9.12 -8.25
C ILE B 134 -24.45 9.19 -9.47
N LEU B 135 -24.18 8.35 -10.46
CA LEU B 135 -24.92 8.26 -11.74
C LEU B 135 -26.19 7.44 -11.57
N LYS B 136 -27.22 7.78 -12.36
CA LYS B 136 -28.49 7.01 -12.48
C LYS B 136 -28.14 5.58 -12.88
N ARG B 137 -28.82 4.62 -12.26
CA ARG B 137 -28.60 3.20 -12.57
C ARG B 137 -28.85 2.93 -14.05
N ASN B 138 -29.97 3.38 -14.60
CA ASN B 138 -30.41 2.84 -15.93
C ASN B 138 -29.94 3.75 -17.05
N GLN B 139 -28.62 3.87 -17.21
CA GLN B 139 -27.96 4.50 -18.37
C GLN B 139 -26.74 3.67 -18.75
N ILE B 140 -26.40 3.69 -20.03
CA ILE B 140 -25.05 3.31 -20.54
C ILE B 140 -24.24 4.60 -20.67
N PHE B 141 -23.33 4.85 -19.73
CA PHE B 141 -22.38 5.99 -19.76
C PHE B 141 -21.17 5.56 -20.59
N PRO B 142 -20.82 6.35 -21.64
CA PRO B 142 -19.61 6.12 -22.44
C PRO B 142 -18.30 5.94 -21.67
N LEU B 143 -18.18 6.59 -20.51
CA LEU B 143 -17.03 6.45 -19.59
C LEU B 143 -16.85 4.97 -19.20
N PHE B 144 -17.92 4.17 -19.24
CA PHE B 144 -17.88 2.73 -18.84
C PHE B 144 -17.87 1.80 -20.06
N ALA B 145 -17.42 2.28 -21.21
CA ALA B 145 -17.46 1.56 -22.50
C ALA B 145 -16.27 0.59 -22.58
N PRO B 146 -16.44 -0.62 -23.15
CA PRO B 146 -15.39 -1.65 -23.16
C PRO B 146 -14.22 -1.36 -24.11
N ALA C 2 9.03 21.09 -3.31
CA ALA C 2 9.53 20.79 -1.93
C ALA C 2 8.46 20.01 -1.15
N THR C 3 8.88 18.95 -0.48
CA THR C 3 8.02 18.06 0.33
C THR C 3 8.68 17.92 1.70
N ASN C 4 7.97 18.31 2.75
CA ASN C 4 8.49 18.37 4.14
C ASN C 4 7.51 17.68 5.08
N PHE C 5 8.00 16.97 6.06
CA PHE C 5 7.15 16.46 7.15
C PHE C 5 7.40 17.34 8.38
N PHE C 6 6.39 17.44 9.22
CA PHE C 6 6.46 18.09 10.56
C PHE C 6 5.93 17.10 11.60
N ILE C 7 6.79 16.69 12.52
CA ILE C 7 6.48 15.80 13.68
C ILE C 7 6.46 16.64 14.98
N GLN C 8 5.35 16.55 15.70
CA GLN C 8 5.09 17.27 16.98
C GLN C 8 4.86 16.20 18.03
N PRO C 9 5.83 15.96 18.92
CA PRO C 9 5.60 15.06 20.05
C PRO C 9 4.47 15.61 20.92
N ILE C 10 3.59 14.76 21.44
CA ILE C 10 2.50 15.22 22.34
C ILE C 10 2.57 14.52 23.71
N THR C 11 3.45 13.54 23.89
CA THR C 11 3.74 12.96 25.23
C THR C 11 5.18 13.28 25.61
N GLU C 12 5.51 13.12 26.88
CA GLU C 12 6.92 13.22 27.35
C GLU C 12 7.72 12.05 26.78
N GLU C 13 7.13 10.85 26.61
CA GLU C 13 7.82 9.69 26.00
C GLU C 13 8.32 10.08 24.61
N ALA C 14 7.47 10.69 23.79
CA ALA C 14 7.85 11.17 22.44
C ALA C 14 8.97 12.22 22.54
N GLU C 15 8.92 13.13 23.54
CA GLU C 15 9.95 14.21 23.69
C GLU C 15 11.34 13.59 23.76
N ALA C 16 11.45 12.48 24.47
CA ALA C 16 12.69 11.71 24.68
C ALA C 16 13.21 11.13 23.36
N TYR C 17 12.35 10.87 22.37
CA TYR C 17 12.77 10.24 21.08
C TYR C 17 12.77 11.28 19.96
N TYR C 18 12.16 12.45 20.16
CA TYR C 18 11.99 13.51 19.15
C TYR C 18 12.51 14.85 19.67
N PRO C 19 13.85 15.03 19.80
CA PRO C 19 14.44 16.34 20.09
C PRO C 19 14.28 17.32 18.92
N PRO C 20 14.01 18.61 19.18
CA PRO C 20 13.79 19.56 18.08
C PRO C 20 14.96 19.51 17.09
N SER C 21 14.68 19.54 15.79
CA SER C 21 15.73 19.26 14.77
C SER C 21 15.14 19.27 13.36
N VAL C 22 16.03 19.23 12.38
CA VAL C 22 15.71 19.20 10.93
C VAL C 22 16.54 18.06 10.35
N ILE C 23 15.86 17.03 9.86
CA ILE C 23 16.49 15.86 9.18
C ILE C 23 16.35 16.09 7.68
N THR C 24 17.49 16.09 6.96
CA THR C 24 17.57 16.12 5.48
C THR C 24 17.59 14.66 5.01
N ASN C 25 16.95 14.38 3.89
CA ASN C 25 16.78 13.00 3.38
C ASN C 25 17.71 12.85 2.19
N LYS C 26 19.00 12.70 2.47
CA LYS C 26 20.05 12.72 1.43
C LYS C 26 20.00 11.39 0.68
N ARG C 27 19.69 10.29 1.39
CA ARG C 27 19.47 8.95 0.77
C ARG C 27 18.29 8.99 -0.21
N LYS C 28 17.38 9.96 -0.07
CA LYS C 28 16.15 10.12 -0.92
C LYS C 28 15.21 8.93 -0.69
N ASP C 29 15.14 8.40 0.53
CA ASP C 29 14.17 7.34 0.89
C ASP C 29 12.77 7.96 0.82
N LEU C 30 11.76 7.18 0.44
CA LEU C 30 10.34 7.60 0.31
C LEU C 30 9.66 7.71 1.69
N GLY C 31 10.13 6.96 2.70
CA GLY C 31 9.45 6.76 3.99
C GLY C 31 10.16 7.44 5.15
N VAL C 32 9.39 8.06 6.05
CA VAL C 32 9.89 8.63 7.33
C VAL C 32 9.57 7.66 8.46
N ASP C 33 10.59 6.98 8.98
CA ASP C 33 10.48 6.04 10.12
C ASP C 33 10.12 6.83 11.38
N VAL C 34 9.17 6.30 12.15
CA VAL C 34 8.65 6.86 13.42
C VAL C 34 8.70 5.78 14.51
N TYR C 35 9.09 6.20 15.70
CA TYR C 35 9.33 5.35 16.89
C TYR C 35 8.03 4.89 17.51
N CYS C 36 8.06 3.73 18.18
CA CYS C 36 6.98 3.21 19.04
C CYS C 36 6.85 4.06 20.32
N CYS C 37 7.96 4.56 20.86
CA CYS C 37 8.07 5.55 21.99
C CYS C 37 7.77 4.92 23.37
N SER C 38 7.08 3.77 23.43
CA SER C 38 6.84 2.93 24.63
C SER C 38 7.23 1.48 24.32
N ASP C 39 7.80 0.78 25.30
CA ASP C 39 7.90 -0.71 25.25
C ASP C 39 6.48 -1.24 25.26
N LEU C 40 6.16 -2.25 24.45
CA LEU C 40 4.81 -2.81 24.42
C LEU C 40 4.88 -4.31 24.18
N VAL C 41 3.87 -5.01 24.67
CA VAL C 41 3.67 -6.47 24.44
C VAL C 41 2.42 -6.58 23.58
N LEU C 42 2.58 -7.11 22.36
CA LEU C 42 1.50 -7.34 21.37
C LEU C 42 0.96 -8.76 21.55
N GLN C 43 -0.29 -8.86 21.96
CA GLN C 43 -1.03 -10.12 22.14
C GLN C 43 -1.37 -10.70 20.76
N PRO C 44 -1.56 -12.03 20.64
CA PRO C 44 -2.16 -12.60 19.43
C PRO C 44 -3.42 -11.81 19.07
N GLY C 45 -3.67 -11.61 17.78
CA GLY C 45 -4.80 -10.81 17.28
C GLY C 45 -4.45 -9.32 17.21
N LEU C 46 -5.47 -8.48 17.35
CA LEU C 46 -5.40 -7.01 17.13
C LEU C 46 -4.80 -6.31 18.35
N ASN C 47 -3.95 -5.33 18.10
CA ASN C 47 -3.32 -4.48 19.13
C ASN C 47 -3.43 -3.04 18.65
N ILE C 48 -3.92 -2.14 19.50
CA ILE C 48 -3.99 -0.69 19.21
C ILE C 48 -2.69 -0.13 19.73
N VAL C 49 -1.92 0.54 18.88
CA VAL C 49 -0.60 1.11 19.27
C VAL C 49 -0.61 2.60 18.96
N ARG C 50 -0.33 3.42 19.95
CA ARG C 50 -0.29 4.89 19.81
C ARG C 50 1.11 5.26 19.36
N LEU C 51 1.26 6.28 18.52
CA LEU C 51 2.58 6.72 18.01
C LEU C 51 3.06 8.02 18.71
N HIS C 52 2.27 8.59 19.63
CA HIS C 52 2.69 9.70 20.53
C HIS C 52 2.95 10.99 19.75
N ILE C 53 2.49 11.10 18.51
CA ILE C 53 2.85 12.26 17.67
C ILE C 53 1.64 12.73 16.89
N LYS C 54 1.66 14.02 16.55
CA LYS C 54 0.84 14.69 15.54
C LYS C 54 1.80 15.03 14.41
N VAL C 55 1.33 14.88 13.18
CA VAL C 55 2.18 15.02 11.97
C VAL C 55 1.44 15.86 10.95
N ALA C 56 2.17 16.75 10.29
CA ALA C 56 1.73 17.49 9.09
C ALA C 56 2.70 17.18 7.95
N CYS C 57 2.15 17.09 6.75
CA CYS C 57 2.91 16.96 5.49
C CYS C 57 2.56 18.15 4.60
N GLU C 58 3.53 18.74 3.91
CA GLU C 58 3.25 19.82 2.94
C GLU C 58 3.92 19.48 1.62
N HIS C 59 3.25 19.83 0.53
CA HIS C 59 3.84 19.67 -0.82
C HIS C 59 3.58 20.97 -1.59
N MET C 60 4.67 21.59 -2.06
CA MET C 60 4.66 22.89 -2.80
C MET C 60 3.91 23.92 -1.94
N GLY C 61 4.25 23.99 -0.65
CA GLY C 61 3.74 25.00 0.29
C GLY C 61 2.30 24.77 0.72
N LYS C 62 1.65 23.69 0.31
CA LYS C 62 0.25 23.34 0.74
C LYS C 62 0.26 22.09 1.61
N LYS C 63 -0.52 22.10 2.69
CA LYS C 63 -0.76 20.94 3.58
C LYS C 63 -1.37 19.82 2.74
N CYS C 64 -0.87 18.60 2.89
CA CYS C 64 -1.36 17.45 2.11
C CYS C 64 -1.56 16.29 3.08
N GLY C 65 -2.14 15.21 2.62
CA GLY C 65 -2.25 14.00 3.44
C GLY C 65 -0.98 13.19 3.40
N PHE C 66 -1.03 11.98 3.93
CA PHE C 66 0.11 11.06 3.88
C PHE C 66 -0.38 9.68 4.30
N LYS C 67 0.52 8.71 4.25
CA LYS C 67 0.16 7.28 4.44
C LYS C 67 1.12 6.70 5.45
N ILE C 68 0.64 5.70 6.17
CA ILE C 68 1.43 4.91 7.15
C ILE C 68 1.61 3.51 6.55
N MET C 69 2.85 3.04 6.45
CA MET C 69 3.13 1.67 5.92
C MET C 69 4.11 0.95 6.84
N ALA C 70 4.03 -0.37 6.88
CA ALA C 70 5.02 -1.20 7.57
C ALA C 70 6.39 -0.94 6.95
N ARG C 71 7.43 -1.02 7.77
CA ARG C 71 8.82 -1.16 7.28
C ARG C 71 8.94 -2.63 6.88
N SER C 72 9.67 -2.96 5.82
CA SER C 72 9.85 -4.37 5.39
C SER C 72 10.36 -5.23 6.56
N SER C 73 11.01 -4.64 7.56
CA SER C 73 11.59 -5.28 8.77
C SER C 73 10.56 -5.52 9.89
N MET C 74 9.35 -4.98 9.78
CA MET C 74 8.30 -5.13 10.84
C MET C 74 7.95 -6.60 11.02
N CYS C 75 7.83 -7.36 9.94
CA CYS C 75 7.42 -8.78 9.99
C CYS C 75 8.65 -9.68 9.89
N THR C 76 8.82 -10.56 10.85
CA THR C 76 9.91 -11.56 10.87
C THR C 76 9.33 -12.84 11.42
N HIS C 77 10.10 -13.92 11.36
CA HIS C 77 9.76 -15.24 11.94
C HIS C 77 9.42 -15.06 13.44
N GLU C 78 10.16 -14.21 14.14
CA GLU C 78 10.02 -14.03 15.60
C GLU C 78 8.78 -13.19 15.91
N ARG C 79 8.41 -12.27 15.01
CA ARG C 79 7.29 -11.30 15.20
C ARG C 79 6.50 -11.26 13.88
N LEU C 80 5.42 -12.03 13.80
CA LEU C 80 4.54 -12.13 12.61
C LEU C 80 3.53 -10.99 12.68
N LEU C 81 3.97 -9.77 12.36
CA LEU C 81 3.19 -8.52 12.58
C LEU C 81 2.80 -7.87 11.25
N ILE C 82 1.54 -7.51 11.12
CA ILE C 82 1.03 -6.81 9.91
C ILE C 82 0.25 -5.57 10.39
N LEU C 83 0.26 -4.54 9.57
CA LEU C 83 -0.68 -3.40 9.67
C LEU C 83 -2.08 -3.89 9.27
N ALA C 84 -3.07 -3.82 10.16
CA ALA C 84 -4.40 -4.38 9.92
C ALA C 84 -5.01 -3.75 8.68
N ASN C 85 -4.79 -2.46 8.46
CA ASN C 85 -5.51 -1.74 7.37
C ASN C 85 -4.65 -1.73 6.10
N GLY C 86 -3.55 -2.49 6.09
CA GLY C 86 -2.63 -2.57 4.94
C GLY C 86 -1.77 -1.33 4.89
N ILE C 87 -2.38 -0.19 4.56
CA ILE C 87 -1.73 1.13 4.77
C ILE C 87 -2.76 2.07 5.40
N GLY C 88 -2.27 2.91 6.32
CA GLY C 88 -3.09 3.94 6.96
C GLY C 88 -3.15 5.15 6.04
N LEU C 89 -4.35 5.62 5.78
CA LEU C 89 -4.56 6.81 4.95
C LEU C 89 -4.86 8.01 5.87
N ILE C 90 -3.96 8.99 5.93
CA ILE C 90 -4.13 10.17 6.83
C ILE C 90 -4.60 11.37 6.01
N ASP C 91 -5.82 11.82 6.27
CA ASP C 91 -6.41 12.96 5.53
C ASP C 91 -5.67 14.24 5.92
N PRO C 92 -5.54 15.19 4.97
CA PRO C 92 -4.90 16.47 5.25
C PRO C 92 -5.60 17.18 6.42
N GLY C 93 -6.91 16.97 6.59
CA GLY C 93 -7.73 17.55 7.66
C GLY C 93 -7.48 16.96 9.04
N TYR C 94 -6.80 15.81 9.16
CA TYR C 94 -6.62 15.15 10.48
C TYR C 94 -5.52 15.89 11.26
N VAL C 95 -5.78 16.18 12.54
CA VAL C 95 -4.83 16.95 13.41
C VAL C 95 -4.57 16.17 14.72
N GLY C 96 -5.20 15.02 14.92
CA GLY C 96 -5.02 14.20 16.14
C GLY C 96 -3.78 13.35 16.11
N GLU C 97 -3.60 12.53 17.14
CA GLU C 97 -2.50 11.57 17.29
C GLU C 97 -2.63 10.46 16.23
N LEU C 98 -1.52 10.11 15.61
CA LEU C 98 -1.43 8.94 14.71
C LEU C 98 -1.52 7.68 15.56
N MET C 99 -2.39 6.76 15.14
CA MET C 99 -2.66 5.46 15.80
C MET C 99 -2.40 4.33 14.81
N LEU C 100 -1.99 3.17 15.33
CA LEU C 100 -1.72 1.93 14.55
C LEU C 100 -2.71 0.85 15.01
N LYS C 101 -3.08 -0.01 14.08
CA LYS C 101 -3.73 -1.30 14.39
C LYS C 101 -2.77 -2.33 13.86
N ILE C 102 -2.18 -3.11 14.76
CA ILE C 102 -1.19 -4.16 14.44
C ILE C 102 -1.79 -5.50 14.82
N ILE C 103 -1.78 -6.44 13.87
CA ILE C 103 -2.15 -7.85 14.13
C ILE C 103 -0.87 -8.64 14.38
N ASN C 104 -0.80 -9.31 15.53
CA ASN C 104 0.12 -10.44 15.81
C ASN C 104 -0.51 -11.71 15.23
N LEU C 105 0.04 -12.24 14.15
CA LEU C 105 -0.54 -13.46 13.52
C LEU C 105 -0.05 -14.73 14.24
N GLY C 106 0.93 -14.63 15.13
CA GLY C 106 1.45 -15.76 15.92
C GLY C 106 0.58 -16.10 17.13
N ASP C 107 0.92 -17.20 17.80
CA ASP C 107 0.14 -17.78 18.93
C ASP C 107 0.68 -17.22 20.25
N THR C 108 1.73 -16.42 20.17
CA THR C 108 2.62 -16.05 21.31
C THR C 108 2.70 -14.53 21.36
N PRO C 109 2.57 -13.91 22.56
CA PRO C 109 2.83 -12.49 22.72
C PRO C 109 4.24 -12.15 22.23
N VAL C 110 4.48 -10.90 21.90
CA VAL C 110 5.74 -10.43 21.28
C VAL C 110 6.07 -9.05 21.88
N GLN C 111 7.36 -8.81 22.14
CA GLN C 111 7.87 -7.54 22.72
C GLN C 111 8.28 -6.59 21.57
N ILE C 112 7.80 -5.35 21.61
CA ILE C 112 8.30 -4.22 20.77
C ILE C 112 8.90 -3.18 21.73
N TRP C 113 9.93 -2.50 21.25
CA TRP C 113 10.81 -1.61 22.03
C TRP C 113 10.56 -0.16 21.62
N ALA C 114 10.55 0.74 22.60
CA ALA C 114 10.32 2.18 22.43
C ALA C 114 11.22 2.74 21.30
N LYS C 115 12.46 2.27 21.20
CA LYS C 115 13.45 2.86 20.24
C LYS C 115 13.33 2.22 18.84
N GLU C 116 12.43 1.26 18.70
CA GLU C 116 12.09 0.59 17.41
C GLU C 116 11.20 1.52 16.57
N CYS C 117 11.47 1.60 15.27
CA CYS C 117 10.51 2.07 14.25
C CYS C 117 9.95 0.84 13.52
N LEU C 118 8.64 0.62 13.63
CA LEU C 118 7.94 -0.47 12.94
C LEU C 118 7.35 0.05 11.63
N VAL C 119 6.96 1.33 11.58
CA VAL C 119 6.20 1.89 10.42
C VAL C 119 6.94 3.12 9.88
N GLN C 120 6.54 3.54 8.69
CA GLN C 120 7.10 4.71 7.99
C GLN C 120 5.96 5.55 7.42
N LEU C 121 6.13 6.87 7.37
CA LEU C 121 5.13 7.79 6.76
C LEU C 121 5.60 8.14 5.34
N VAL C 122 4.63 8.18 4.43
CA VAL C 122 4.85 8.45 2.99
C VAL C 122 3.86 9.52 2.56
N ALA C 123 4.38 10.59 1.97
CA ALA C 123 3.62 11.76 1.52
C ALA C 123 2.53 11.30 0.56
N GLN C 124 1.41 12.00 0.58
CA GLN C 124 0.39 11.93 -0.50
C GLN C 124 1.14 12.02 -1.83
N GLY C 125 0.91 11.08 -2.74
CA GLY C 125 1.54 11.09 -4.08
C GLY C 125 2.95 10.50 -4.06
N ASP C 126 3.40 9.97 -2.93
CA ASP C 126 4.71 9.29 -2.78
C ASP C 126 5.89 10.25 -3.02
N HIS C 127 5.72 11.55 -2.84
CA HIS C 127 6.84 12.50 -3.04
C HIS C 127 7.94 12.16 -2.04
N VAL C 128 9.19 12.16 -2.49
CA VAL C 128 10.36 11.99 -1.59
C VAL C 128 10.42 13.20 -0.69
N PRO C 129 10.47 13.03 0.66
CA PRO C 129 10.61 14.18 1.55
C PRO C 129 12.01 14.81 1.44
N ASP C 130 12.06 16.14 1.42
CA ASP C 130 13.31 16.95 1.47
C ASP C 130 13.77 17.08 2.92
N HIS C 131 12.87 17.50 3.83
CA HIS C 131 13.18 17.72 5.27
C HIS C 131 12.13 17.03 6.14
N ILE C 132 12.57 16.46 7.26
CA ILE C 132 11.66 16.12 8.39
C ILE C 132 11.97 17.09 9.53
N ASN C 133 11.01 17.96 9.85
CA ASN C 133 11.09 18.97 10.93
C ASN C 133 10.52 18.38 12.21
N ILE C 134 11.38 18.10 13.19
CA ILE C 134 10.98 17.64 14.55
C ILE C 134 10.71 18.93 15.35
N LEU C 135 9.44 19.17 15.71
CA LEU C 135 9.04 20.38 16.47
C LEU C 135 9.16 20.12 17.96
N LYS C 136 8.93 21.17 18.74
CA LYS C 136 8.82 21.11 20.22
C LYS C 136 7.47 20.49 20.59
N ARG C 137 7.37 19.96 21.80
CA ARG C 137 6.11 19.38 22.30
C ARG C 137 4.98 20.43 22.21
N ASN C 138 3.91 20.07 21.50
CA ASN C 138 2.63 20.83 21.28
C ASN C 138 2.84 22.12 20.45
N GLN C 139 4.01 22.29 19.84
CA GLN C 139 4.30 23.43 18.93
C GLN C 139 3.42 23.30 17.67
N ILE C 140 2.70 24.36 17.30
CA ILE C 140 1.72 24.30 16.16
C ILE C 140 2.51 24.23 14.85
N PHE C 141 1.81 23.81 13.80
CA PHE C 141 2.36 23.78 12.43
C PHE C 141 2.35 25.22 11.91
O4 DUP D . 8.80 -5.74 -0.31
C4 DUP D . 9.89 -5.22 -0.29
C5 DUP D . 10.12 -4.07 0.47
C6 DUP D . 11.37 -3.52 0.47
N3 DUP D . 10.89 -5.76 -0.99
C2 DUP D . 12.14 -5.21 -1.00
O2 DUP D . 13.04 -5.72 -1.64
N1 DUP D . 12.38 -4.05 -0.25
C1' DUP D . 13.71 -3.46 -0.24
C2' DUP D . 13.90 -2.20 -1.09
C3' DUP D . 13.80 -1.16 -0.08
O3' DUP D . 14.39 0.12 -0.47
O4' DUP D . 14.10 -3.12 1.16
C4' DUP D . 14.52 -1.72 1.08
C5' DUP D . 14.08 -1.02 2.37
O5' DUP D . 12.67 -1.20 2.55
PA DUP D . 11.91 -0.42 3.86
O1A DUP D . 12.54 0.97 3.99
O2A DUP D . 10.45 -0.25 3.46
N3A DUP D . 12.06 -1.57 5.09
PB DUP D . 13.16 -1.15 6.28
O1B DUP D . 12.99 0.33 6.61
O2B DUP D . 12.92 -2.14 7.45
O3B DUP D . 14.62 -1.46 5.71
PG DUP D . 15.81 -0.32 5.59
O2G DUP D . 15.30 0.92 4.90
O1G DUP D . 16.31 -0.11 6.99
O3G DUP D . 16.99 -0.97 4.84
O4 DUP E . -9.25 -5.41 -5.15
C4 DUP E . -9.52 -5.42 -6.34
C5 DUP E . -8.47 -5.48 -7.28
C6 DUP E . -8.75 -5.53 -8.64
N3 DUP E . -10.80 -5.39 -6.81
C2 DUP E . -11.06 -5.41 -8.17
O2 DUP E . -12.19 -5.38 -8.58
N1 DUP E . -10.02 -5.48 -9.10
C1' DUP E . -10.30 -5.48 -10.53
C2' DUP E . -9.88 -4.16 -11.23
C3' DUP E . -8.58 -4.46 -11.79
O3' DUP E . -8.13 -3.54 -12.89
O4' DUP E . -9.54 -6.52 -11.25
C4' DUP E . -8.69 -5.87 -12.22
C5' DUP E . -7.37 -6.65 -12.21
O5' DUP E . -6.71 -6.42 -10.96
PA DUP E . -5.24 -7.16 -10.60
O1A DUP E . -4.78 -6.90 -9.16
O2A DUP E . -4.19 -6.72 -11.62
N3A DUP E . -5.69 -8.79 -10.70
PB DUP E . -4.94 -9.87 -11.74
O1B DUP E . -3.63 -9.33 -12.29
O2B DUP E . -4.72 -11.19 -10.98
O3B DUP E . -6.04 -10.21 -12.91
PG DUP E . -5.91 -9.41 -14.33
O2G DUP E . -5.20 -8.05 -14.19
O1G DUP E . -5.04 -10.26 -15.24
O3G DUP E . -7.34 -9.25 -14.82
MG MG F . -3.23 -7.39 -13.31
MG MG G . -12.68 7.76 6.82
O4 DUP H . -3.67 3.79 10.37
C4 DUP H . -4.30 4.82 10.54
C5 DUP H . -5.33 5.21 9.68
C6 DUP H . -6.00 6.37 9.95
N3 DUP H . -3.99 5.62 11.58
C2 DUP H . -4.65 6.78 11.84
O2 DUP H . -4.31 7.45 12.81
N1 DUP H . -5.70 7.16 11.01
C1' DUP H . -6.40 8.42 11.26
C2' DUP H . -6.15 9.52 10.20
C3' DUP H . -7.34 9.52 9.34
O3' DUP H . -7.64 10.81 8.68
O4' DUP H . -7.87 8.24 11.28
C4' DUP H . -8.43 9.11 10.25
C5' DUP H . -9.49 8.34 9.46
O5' DUP H . -8.98 7.07 9.04
PA DUP H . -9.96 6.10 8.06
O1A DUP H . -10.75 6.98 7.08
O2A DUP H . -9.12 5.11 7.22
N3A DUP H . -10.88 5.29 9.26
PB DUP H . -12.54 5.47 9.32
O1B DUP H . -13.07 5.91 7.96
O2B DUP H . -13.09 4.12 9.73
O3B DUP H . -12.91 6.59 10.46
PG DUP H . -13.39 8.13 10.09
O2G DUP H . -13.05 8.96 11.31
O1G DUP H . -14.88 8.16 9.77
O3G DUP H . -12.68 8.75 8.91
MG MG I . 13.54 1.79 5.33
#